data_2AYK
#
_entry.id   2AYK
#
_cell.length_a   1.000
_cell.length_b   1.000
_cell.length_c   1.000
_cell.angle_alpha   90.00
_cell.angle_beta   90.00
_cell.angle_gamma   90.00
#
_symmetry.space_group_name_H-M   'P 1'
#
loop_
_entity.id
_entity.type
_entity.pdbx_description
1 polymer COLLAGENASE
2 non-polymer 'ZINC ION'
3 non-polymer 'CALCIUM ION'
#
_entity_poly.entity_id   1
_entity_poly.type   'polypeptide(L)'
_entity_poly.pdbx_seq_one_letter_code
;VLTEGNPRWEQTHLTYRIENYTPDLPRADVDHAIEKAFQLWSNVTPLTFTKVSEGQADIMISFVRGDHRDNSPFDGPGGN
LAHAFQPGPGIGGDAHFDEDERWTNNFREYNLHRVAAHELGHSLGLSHSTDIGALMYPSYTFSGDVQLAQDDIDGIQAIY
GRSQNPVQP
;
_entity_poly.pdbx_strand_id   A
#
loop_
_chem_comp.id
_chem_comp.type
_chem_comp.name
_chem_comp.formula
CA non-polymer 'CALCIUM ION' 'Ca 2'
ZN non-polymer 'ZINC ION' 'Zn 2'
#
# COMPACT_ATOMS: atom_id res chain seq x y z
N PRO A 7 -2.34 -12.07 -13.75
CA PRO A 7 -1.12 -12.49 -12.99
C PRO A 7 -1.29 -12.27 -11.49
N ARG A 8 -0.98 -13.27 -10.70
CA ARG A 8 -1.13 -13.14 -9.22
C ARG A 8 -0.02 -13.94 -8.53
N TRP A 9 0.24 -13.66 -7.28
CA TRP A 9 1.32 -14.40 -6.58
C TRP A 9 0.90 -15.87 -6.43
N GLU A 10 1.73 -16.78 -6.87
CA GLU A 10 1.39 -18.22 -6.77
C GLU A 10 1.67 -18.71 -5.35
N GLN A 11 2.46 -17.98 -4.60
CA GLN A 11 2.79 -18.42 -3.22
C GLN A 11 1.70 -17.93 -2.25
N THR A 12 1.53 -18.61 -1.16
CA THR A 12 0.49 -18.18 -0.17
C THR A 12 1.12 -17.28 0.89
N HIS A 13 2.42 -17.11 0.83
CA HIS A 13 3.12 -16.23 1.83
C HIS A 13 3.95 -15.19 1.08
N LEU A 14 4.04 -14.00 1.60
CA LEU A 14 4.83 -12.93 0.92
C LEU A 14 5.66 -12.17 1.96
N THR A 15 6.65 -11.43 1.51
CA THR A 15 7.50 -10.68 2.47
C THR A 15 7.64 -9.22 2.01
N TYR A 16 8.06 -8.34 2.90
CA TYR A 16 8.22 -6.91 2.50
C TYR A 16 9.39 -6.28 3.27
N ARG A 17 10.00 -5.27 2.69
CA ARG A 17 11.16 -4.60 3.37
C ARG A 17 11.11 -3.10 3.08
N ILE A 18 11.38 -2.28 4.06
CA ILE A 18 11.37 -0.81 3.84
C ILE A 18 12.82 -0.37 3.55
N GLU A 19 13.04 0.32 2.47
CA GLU A 19 14.42 0.77 2.15
C GLU A 19 14.88 1.83 3.15
N ASN A 20 14.00 2.73 3.52
CA ASN A 20 14.38 3.78 4.50
C ASN A 20 13.13 4.46 5.04
N TYR A 21 13.26 5.18 6.12
CA TYR A 21 12.08 5.89 6.69
C TYR A 21 12.21 7.39 6.41
N THR A 22 11.18 8.01 5.92
CA THR A 22 11.26 9.45 5.61
C THR A 22 11.24 10.27 6.93
N PRO A 23 12.03 11.31 7.07
CA PRO A 23 12.02 12.11 8.33
C PRO A 23 10.67 12.77 8.61
N ASP A 24 9.71 12.58 7.76
CA ASP A 24 8.38 13.20 8.00
C ASP A 24 7.79 12.63 9.29
N LEU A 25 7.93 11.35 9.51
CA LEU A 25 7.37 10.73 10.75
C LEU A 25 8.35 9.65 11.28
N PRO A 26 8.38 9.38 12.57
CA PRO A 26 9.28 8.33 13.11
C PRO A 26 8.99 6.94 12.52
N ARG A 27 10.00 6.15 12.34
CA ARG A 27 9.80 4.77 11.78
C ARG A 27 8.88 3.97 12.70
N ALA A 28 8.99 4.17 13.99
CA ALA A 28 8.13 3.40 14.93
C ALA A 28 6.67 3.62 14.56
N ASP A 29 6.33 4.82 14.15
CA ASP A 29 4.92 5.09 13.77
C ASP A 29 4.64 4.59 12.35
N VAL A 30 5.62 4.63 11.48
CA VAL A 30 5.39 4.15 10.08
C VAL A 30 5.26 2.62 10.06
N ASP A 31 6.19 1.92 10.68
CA ASP A 31 6.10 0.43 10.68
C ASP A 31 4.72 0.01 11.15
N HIS A 32 4.23 0.62 12.20
CA HIS A 32 2.88 0.23 12.68
C HIS A 32 1.86 0.47 11.58
N ALA A 33 1.87 1.63 10.99
CA ALA A 33 0.90 1.90 9.89
C ALA A 33 1.02 0.82 8.82
N ILE A 34 2.22 0.51 8.42
CA ILE A 34 2.38 -0.53 7.35
C ILE A 34 1.98 -1.90 7.91
N GLU A 35 2.47 -2.27 9.06
CA GLU A 35 2.10 -3.60 9.63
C GLU A 35 0.59 -3.66 9.83
N LYS A 36 0.00 -2.59 10.28
CA LYS A 36 -1.47 -2.58 10.51
C LYS A 36 -2.19 -2.88 9.19
N ALA A 37 -1.72 -2.32 8.09
CA ALA A 37 -2.38 -2.59 6.78
C ALA A 37 -2.23 -4.07 6.41
N PHE A 38 -1.04 -4.62 6.52
CA PHE A 38 -0.85 -6.05 6.15
C PHE A 38 -1.75 -6.92 7.04
N GLN A 39 -1.82 -6.62 8.31
CA GLN A 39 -2.68 -7.43 9.21
C GLN A 39 -4.14 -7.33 8.76
N LEU A 40 -4.58 -6.16 8.38
CA LEU A 40 -5.98 -6.02 7.92
C LEU A 40 -6.20 -6.93 6.71
N TRP A 41 -5.24 -7.02 5.83
CA TRP A 41 -5.42 -7.90 4.64
C TRP A 41 -5.32 -9.37 5.07
N SER A 42 -4.33 -9.71 5.83
CA SER A 42 -4.19 -11.13 6.28
C SER A 42 -5.32 -11.48 7.25
N ASN A 43 -5.75 -10.52 8.03
CA ASN A 43 -6.84 -10.79 9.01
C ASN A 43 -8.07 -11.36 8.29
N VAL A 44 -8.17 -11.17 7.00
CA VAL A 44 -9.34 -11.70 6.25
C VAL A 44 -8.88 -12.63 5.12
N THR A 45 -7.61 -12.92 5.05
CA THR A 45 -7.11 -13.83 3.97
C THR A 45 -6.06 -14.80 4.56
N PRO A 46 -6.02 -16.05 4.12
CA PRO A 46 -4.99 -16.99 4.66
C PRO A 46 -3.57 -16.60 4.28
N LEU A 47 -3.39 -15.44 3.69
CA LEU A 47 -2.03 -15.01 3.30
C LEU A 47 -1.27 -14.53 4.55
N THR A 48 0.03 -14.64 4.53
CA THR A 48 0.85 -14.20 5.70
C THR A 48 1.97 -13.28 5.22
N PHE A 49 2.27 -12.24 5.96
CA PHE A 49 3.36 -11.30 5.54
C PHE A 49 4.45 -11.28 6.60
N THR A 50 5.68 -11.46 6.19
CA THR A 50 6.82 -11.45 7.17
C THR A 50 7.80 -10.34 6.78
N LYS A 51 8.18 -9.52 7.73
CA LYS A 51 9.15 -8.43 7.44
C LYS A 51 10.56 -9.02 7.43
N VAL A 52 11.41 -8.53 6.56
CA VAL A 52 12.81 -9.06 6.50
C VAL A 52 13.77 -7.89 6.60
N SER A 53 14.81 -8.02 7.38
CA SER A 53 15.79 -6.91 7.52
C SER A 53 16.95 -7.15 6.55
N GLU A 54 16.91 -8.23 5.82
CA GLU A 54 18.01 -8.55 4.87
C GLU A 54 17.46 -9.36 3.70
N GLY A 55 18.18 -9.40 2.61
CA GLY A 55 17.72 -10.19 1.43
C GLY A 55 16.68 -9.38 0.64
N GLN A 56 16.22 -9.92 -0.46
CA GLN A 56 15.20 -9.20 -1.27
C GLN A 56 13.82 -9.43 -0.64
N ALA A 57 12.85 -8.67 -1.10
CA ALA A 57 11.47 -8.82 -0.55
C ALA A 57 10.48 -8.80 -1.71
N ASP A 58 9.51 -9.67 -1.70
CA ASP A 58 8.52 -9.69 -2.80
C ASP A 58 7.96 -8.28 -2.99
N ILE A 59 7.90 -7.52 -1.94
CA ILE A 59 7.38 -6.12 -2.04
C ILE A 59 8.40 -5.16 -1.42
N MET A 60 9.03 -4.35 -2.21
CA MET A 60 10.02 -3.38 -1.67
C MET A 60 9.33 -2.02 -1.51
N ILE A 61 9.39 -1.44 -0.34
CA ILE A 61 8.75 -0.11 -0.14
C ILE A 61 9.84 0.94 0.04
N SER A 62 9.78 2.02 -0.69
CA SER A 62 10.82 3.07 -0.56
C SER A 62 10.20 4.44 -0.81
N PHE A 63 10.89 5.46 -0.42
CA PHE A 63 10.38 6.85 -0.60
C PHE A 63 11.28 7.61 -1.59
N VAL A 64 10.69 8.29 -2.54
CA VAL A 64 11.50 9.04 -3.57
C VAL A 64 10.97 10.47 -3.70
N ARG A 65 11.77 11.36 -4.29
CA ARG A 65 11.32 12.77 -4.46
C ARG A 65 11.44 13.21 -5.92
N GLY A 66 10.60 14.11 -6.35
CA GLY A 66 10.65 14.60 -7.75
C GLY A 66 10.88 13.43 -8.72
N ASP A 67 11.58 13.68 -9.79
CA ASP A 67 11.85 12.58 -10.77
C ASP A 67 12.81 11.58 -10.13
N HIS A 68 12.50 10.32 -10.20
CA HIS A 68 13.39 9.28 -9.61
C HIS A 68 13.60 8.15 -10.61
N ARG A 69 14.10 8.47 -11.77
CA ARG A 69 14.34 7.45 -12.81
C ARG A 69 13.04 6.71 -13.14
N ASP A 70 11.98 7.44 -13.40
CA ASP A 70 10.68 6.79 -13.73
C ASP A 70 9.97 7.58 -14.83
N ASN A 71 8.99 6.97 -15.47
CA ASN A 71 8.26 7.68 -16.56
C ASN A 71 7.03 8.38 -15.97
N SER A 72 6.94 8.43 -14.66
CA SER A 72 5.78 9.12 -14.01
C SER A 72 6.32 10.07 -12.92
N PRO A 73 7.08 11.07 -13.29
CA PRO A 73 7.62 12.04 -12.29
C PRO A 73 6.50 12.79 -11.56
N PHE A 74 6.73 13.14 -10.33
CA PHE A 74 5.69 13.88 -9.57
C PHE A 74 5.69 15.35 -10.01
N ASP A 75 4.55 15.88 -10.34
CA ASP A 75 4.48 17.31 -10.78
C ASP A 75 3.95 18.18 -9.64
N GLY A 76 4.70 18.30 -8.58
CA GLY A 76 4.23 19.13 -7.43
C GLY A 76 3.20 18.35 -6.62
N PRO A 77 2.62 18.97 -5.63
CA PRO A 77 1.61 18.28 -4.77
C PRO A 77 0.36 17.88 -5.57
N GLY A 78 0.33 18.15 -6.84
CA GLY A 78 -0.85 17.78 -7.67
C GLY A 78 -0.59 16.43 -8.33
N GLY A 79 -1.57 15.87 -8.98
CA GLY A 79 -1.36 14.55 -9.65
C GLY A 79 -1.51 13.43 -8.61
N ASN A 80 -1.04 12.25 -8.92
CA ASN A 80 -1.16 11.12 -7.95
C ASN A 80 -0.19 11.35 -6.78
N LEU A 81 -0.52 10.85 -5.62
CA LEU A 81 0.39 11.04 -4.46
C LEU A 81 1.32 9.83 -4.32
N ALA A 82 1.17 8.85 -5.18
CA ALA A 82 2.05 7.66 -5.08
C ALA A 82 1.72 6.68 -6.20
N HIS A 83 2.45 5.61 -6.33
CA HIS A 83 2.15 4.62 -7.40
C HIS A 83 2.95 3.34 -7.18
N ALA A 84 2.63 2.31 -7.93
CA ALA A 84 3.36 1.03 -7.76
C ALA A 84 3.43 0.31 -9.11
N PHE A 85 4.27 -0.68 -9.23
CA PHE A 85 4.38 -1.43 -10.52
C PHE A 85 3.54 -2.71 -10.43
N GLN A 86 3.17 -3.28 -11.55
CA GLN A 86 2.34 -4.51 -11.50
C GLN A 86 3.11 -5.62 -10.74
N PRO A 87 2.42 -6.52 -10.07
CA PRO A 87 3.12 -7.61 -9.32
C PRO A 87 3.96 -8.51 -10.24
N GLY A 88 5.23 -8.26 -10.33
CA GLY A 88 6.10 -9.11 -11.20
C GLY A 88 7.56 -9.01 -10.73
N PRO A 89 8.41 -9.87 -11.24
CA PRO A 89 9.85 -9.85 -10.83
C PRO A 89 10.52 -8.52 -11.20
N GLY A 90 11.76 -8.36 -10.83
CA GLY A 90 12.47 -7.09 -11.16
C GLY A 90 11.88 -5.93 -10.34
N ILE A 91 11.46 -4.89 -10.99
CA ILE A 91 10.90 -3.73 -10.22
C ILE A 91 9.40 -3.97 -9.93
N GLY A 92 8.83 -5.00 -10.50
CA GLY A 92 7.38 -5.28 -10.27
C GLY A 92 7.11 -5.53 -8.77
N GLY A 93 5.99 -5.06 -8.28
CA GLY A 93 5.65 -5.26 -6.84
C GLY A 93 6.21 -4.12 -6.00
N ASP A 94 7.16 -3.39 -6.53
CA ASP A 94 7.74 -2.26 -5.76
C ASP A 94 6.69 -1.18 -5.54
N ALA A 95 6.89 -0.36 -4.53
CA ALA A 95 5.91 0.73 -4.24
C ALA A 95 6.67 2.01 -3.89
N HIS A 96 6.43 3.06 -4.63
CA HIS A 96 7.13 4.35 -4.37
C HIS A 96 6.15 5.35 -3.75
N PHE A 97 6.60 6.12 -2.80
CA PHE A 97 5.71 7.13 -2.14
C PHE A 97 6.22 8.55 -2.42
N ASP A 98 5.30 9.45 -2.70
CA ASP A 98 5.71 10.86 -2.96
C ASP A 98 6.21 11.49 -1.65
N GLU A 99 7.49 11.49 -1.44
CA GLU A 99 8.04 12.06 -0.17
C GLU A 99 7.98 13.59 -0.21
N ASP A 100 7.55 14.17 -1.30
CA ASP A 100 7.48 15.66 -1.36
C ASP A 100 6.27 16.14 -0.57
N GLU A 101 5.30 15.29 -0.37
CA GLU A 101 4.09 15.70 0.38
C GLU A 101 4.28 15.45 1.87
N ARG A 102 3.43 16.01 2.69
CA ARG A 102 3.56 15.82 4.16
C ARG A 102 2.69 14.63 4.58
N TRP A 103 3.30 13.59 5.05
CA TRP A 103 2.53 12.41 5.49
C TRP A 103 2.18 12.55 6.99
N THR A 104 0.97 12.24 7.36
CA THR A 104 0.56 12.35 8.80
C THR A 104 -0.05 11.03 9.25
N ASN A 105 -0.28 10.88 10.53
CA ASN A 105 -0.87 9.61 11.05
C ASN A 105 -2.27 9.84 11.60
N ASN A 106 -2.91 10.89 11.20
CA ASN A 106 -4.29 11.13 11.69
C ASN A 106 -5.10 11.83 10.61
N PHE A 107 -6.24 12.36 10.94
CA PHE A 107 -7.09 13.00 9.89
C PHE A 107 -6.52 14.34 9.40
N ARG A 108 -5.24 14.59 9.59
CA ARG A 108 -4.67 15.87 9.08
C ARG A 108 -4.86 15.90 7.56
N GLU A 109 -4.02 16.61 6.87
CA GLU A 109 -4.14 16.70 5.39
C GLU A 109 -4.39 15.32 4.78
N TYR A 110 -3.49 14.38 4.97
CA TYR A 110 -3.68 13.02 4.38
C TYR A 110 -3.26 11.96 5.40
N ASN A 111 -3.74 10.75 5.25
CA ASN A 111 -3.34 9.66 6.21
C ASN A 111 -2.44 8.68 5.46
N LEU A 112 -1.23 8.50 5.91
CA LEU A 112 -0.30 7.56 5.19
C LEU A 112 -0.91 6.15 5.17
N HIS A 113 -1.47 5.72 6.25
CA HIS A 113 -2.05 4.35 6.26
C HIS A 113 -3.14 4.24 5.19
N ARG A 114 -3.96 5.25 5.03
CA ARG A 114 -5.04 5.16 3.98
C ARG A 114 -4.40 4.91 2.63
N VAL A 115 -3.41 5.68 2.30
CA VAL A 115 -2.76 5.52 0.97
C VAL A 115 -2.00 4.20 0.93
N ALA A 116 -1.35 3.85 2.01
CA ALA A 116 -0.61 2.56 2.03
C ALA A 116 -1.56 1.41 1.71
N ALA A 117 -2.68 1.35 2.37
CA ALA A 117 -3.65 0.25 2.09
C ALA A 117 -4.06 0.30 0.62
N HIS A 118 -4.25 1.49 0.09
CA HIS A 118 -4.65 1.62 -1.34
C HIS A 118 -3.58 1.00 -2.23
N GLU A 119 -2.34 1.36 -2.02
CA GLU A 119 -1.24 0.79 -2.85
C GLU A 119 -1.17 -0.71 -2.63
N LEU A 120 -1.32 -1.17 -1.42
CA LEU A 120 -1.28 -2.63 -1.18
C LEU A 120 -2.41 -3.31 -1.94
N GLY A 121 -3.55 -2.67 -2.02
CA GLY A 121 -4.69 -3.28 -2.77
C GLY A 121 -4.29 -3.52 -4.22
N HIS A 122 -3.58 -2.60 -4.81
CA HIS A 122 -3.14 -2.80 -6.23
C HIS A 122 -2.16 -3.96 -6.32
N SER A 123 -1.27 -4.08 -5.37
CA SER A 123 -0.29 -5.20 -5.40
C SER A 123 -1.03 -6.53 -5.30
N LEU A 124 -2.20 -6.53 -4.71
CA LEU A 124 -2.96 -7.79 -4.59
C LEU A 124 -3.74 -8.05 -5.88
N GLY A 125 -3.68 -7.12 -6.80
CA GLY A 125 -4.41 -7.32 -8.09
C GLY A 125 -5.83 -6.75 -8.00
N LEU A 126 -6.11 -6.00 -6.98
CA LEU A 126 -7.49 -5.42 -6.85
C LEU A 126 -7.61 -4.20 -7.75
N SER A 127 -8.81 -3.89 -8.19
CA SER A 127 -9.03 -2.73 -9.08
C SER A 127 -9.90 -1.67 -8.38
N HIS A 128 -9.87 -0.47 -8.87
CA HIS A 128 -10.68 0.62 -8.25
C HIS A 128 -12.16 0.22 -8.23
N SER A 129 -12.98 0.98 -7.56
CA SER A 129 -14.43 0.63 -7.49
C SER A 129 -15.25 1.92 -7.32
N THR A 130 -16.53 1.85 -7.56
CA THR A 130 -17.39 3.06 -7.43
C THR A 130 -18.09 3.06 -6.07
N ASP A 131 -17.71 2.17 -5.19
CA ASP A 131 -18.36 2.11 -3.86
C ASP A 131 -17.71 3.15 -2.94
N ILE A 132 -18.46 4.08 -2.43
CA ILE A 132 -17.85 5.08 -1.53
C ILE A 132 -17.25 4.37 -0.31
N GLY A 133 -17.89 3.36 0.18
CA GLY A 133 -17.37 2.64 1.37
C GLY A 133 -16.13 1.82 1.01
N ALA A 134 -15.64 1.92 -0.21
CA ALA A 134 -14.43 1.14 -0.60
C ALA A 134 -13.19 2.03 -0.45
N LEU A 135 -12.15 1.52 0.15
CA LEU A 135 -10.93 2.34 0.31
C LEU A 135 -10.27 2.53 -1.06
N MET A 136 -10.52 1.63 -1.96
CA MET A 136 -9.91 1.75 -3.32
C MET A 136 -10.62 2.87 -4.08
N TYR A 137 -11.33 3.72 -3.39
CA TYR A 137 -12.05 4.82 -4.10
C TYR A 137 -11.02 5.79 -4.72
N PRO A 138 -11.20 6.22 -5.97
CA PRO A 138 -10.22 7.15 -6.60
C PRO A 138 -10.07 8.47 -5.83
N SER A 139 -11.14 9.03 -5.36
CA SER A 139 -11.04 10.33 -4.62
C SER A 139 -10.72 10.07 -3.15
N TYR A 140 -9.87 10.86 -2.56
CA TYR A 140 -9.51 10.66 -1.14
C TYR A 140 -10.71 11.03 -0.25
N THR A 141 -10.92 10.32 0.82
CA THR A 141 -12.07 10.62 1.72
C THR A 141 -11.73 10.20 3.16
N PHE A 142 -12.04 11.02 4.13
CA PHE A 142 -11.72 10.65 5.53
C PHE A 142 -12.84 9.76 6.10
N SER A 143 -12.51 8.56 6.44
CA SER A 143 -13.50 7.62 7.03
C SER A 143 -13.10 7.40 8.50
N GLY A 144 -13.94 7.80 9.43
CA GLY A 144 -13.62 7.66 10.90
C GLY A 144 -12.57 6.56 11.14
N ASP A 145 -12.99 5.32 11.17
CA ASP A 145 -12.03 4.21 11.37
C ASP A 145 -11.68 3.61 10.01
N VAL A 146 -10.48 3.13 9.84
CA VAL A 146 -10.11 2.53 8.53
C VAL A 146 -10.35 1.02 8.58
N GLN A 147 -11.36 0.55 7.91
CA GLN A 147 -11.66 -0.91 7.90
C GLN A 147 -11.91 -1.35 6.45
N LEU A 148 -11.78 -2.62 6.18
CA LEU A 148 -12.01 -3.09 4.79
C LEU A 148 -13.51 -3.11 4.50
N ALA A 149 -13.88 -3.09 3.23
CA ALA A 149 -15.33 -3.10 2.87
C ALA A 149 -15.70 -4.50 2.37
N GLN A 150 -16.96 -4.84 2.41
CA GLN A 150 -17.38 -6.19 1.93
C GLN A 150 -17.00 -6.35 0.46
N ASP A 151 -17.20 -5.33 -0.33
CA ASP A 151 -16.84 -5.43 -1.76
C ASP A 151 -15.36 -5.82 -1.86
N ASP A 152 -14.55 -5.29 -0.98
CA ASP A 152 -13.11 -5.63 -1.02
C ASP A 152 -12.89 -7.03 -0.42
N ILE A 153 -13.56 -7.36 0.65
CA ILE A 153 -13.36 -8.71 1.26
C ILE A 153 -13.82 -9.79 0.28
N ASP A 154 -15.02 -9.68 -0.23
CA ASP A 154 -15.51 -10.71 -1.18
C ASP A 154 -14.58 -10.76 -2.39
N GLY A 155 -14.10 -9.63 -2.83
CA GLY A 155 -13.20 -9.61 -4.02
C GLY A 155 -11.90 -10.37 -3.73
N ILE A 156 -11.22 -10.06 -2.65
CA ILE A 156 -9.95 -10.78 -2.35
C ILE A 156 -10.25 -12.23 -1.94
N GLN A 157 -11.32 -12.46 -1.22
CA GLN A 157 -11.66 -13.85 -0.83
C GLN A 157 -12.04 -14.65 -2.06
N ALA A 158 -12.76 -14.06 -2.97
CA ALA A 158 -13.15 -14.79 -4.21
C ALA A 158 -11.89 -15.23 -4.94
N ILE A 159 -10.88 -14.41 -4.98
CA ILE A 159 -9.62 -14.78 -5.68
C ILE A 159 -8.94 -15.94 -4.93
N TYR A 160 -8.76 -15.81 -3.64
CA TYR A 160 -8.09 -16.91 -2.87
C TYR A 160 -9.14 -17.75 -2.16
N GLY A 161 -9.90 -17.15 -1.29
CA GLY A 161 -10.94 -17.92 -0.55
C GLY A 161 -11.08 -17.36 0.86
N ARG A 162 -11.83 -18.03 1.70
CA ARG A 162 -12.00 -17.53 3.10
C ARG A 162 -10.80 -17.95 3.95
N SER A 163 -10.56 -17.25 5.03
CA SER A 163 -9.42 -17.61 5.91
C SER A 163 -9.79 -18.85 6.74
ZN ZN B . -5.23 3.29 -7.34
ZN ZN C . 8.29 5.58 -9.00
CA CA D . 2.03 14.52 -6.26
#